data_7UMI
#
_entry.id   7UMI
#
_cell.length_a   78.436
_cell.length_b   90.688
_cell.length_c   97.198
_cell.angle_alpha   90.00
_cell.angle_beta   90.00
_cell.angle_gamma   90.00
#
_symmetry.space_group_name_H-M   'P 21 21 21'
#
loop_
_entity.id
_entity.type
_entity.pdbx_description
1 polymer HBV-NLS
2 polymer 'Importin subunit alpha-1'
3 water water
#
loop_
_entity_poly.entity_id
_entity_poly.type
_entity_poly.pdbx_seq_one_letter_code
_entity_poly.pdbx_strand_id
1 'polypeptide(L)' SQSPRRRRSQ A
2 'polypeptide(L)'
;HHHHHHMNQGTVNWSVEDIVKGINSNNLESQLQATQAARKLLSREKQPPIDNIIRAGLIPKFVSFLGKTDCSPIQFESAW
ALTNIASGTSEQTKAVVDGGAIPAFISLLASPHAHISEQAVWALGNIAGDGSAFRDLVIKHGAIDPLLALLAVPDLSTLA
CGYLRNLTWTLSNLCRNKNPAPPLDAVEQILPTLVRLLHHNDPEVLADSCWAISYLTDGPNERIEMVVKKGVVPQLVKLL
GATELPIVTPALRAIGNIVTGTDEQTQKVIDAGALAVFPSLLTNPKTNIQKEATWTMSNITAGRQDQIQQVVNHGLVPFL
VGVLSKADFKTQKEAAWAITNYTSGGTVEQIVYLVHCGIIEPLMNLLSAKDTKIIQVILDAISNIFQAAEKLGETEKLSI
MIEECGGLDKIEALQRHENESVYKASLNLIEKYFSVEEEEDQNVVPETTSEGFAFQVQDGAPGTFNF
;
E
#
# COMPACT_ATOMS: atom_id res chain seq x y z
N SER A 1 -2.35 -4.08 -2.20
CA SER A 1 -2.47 -4.04 -0.74
C SER A 1 -2.89 -5.42 -0.16
N GLN A 2 -2.54 -5.68 1.10
CA GLN A 2 -2.81 -6.98 1.70
C GLN A 2 -4.32 -7.20 1.90
N SER A 3 -4.68 -8.38 2.44
CA SER A 3 -6.09 -8.76 2.54
C SER A 3 -6.77 -8.01 3.68
N PRO A 4 -7.91 -7.37 3.43
CA PRO A 4 -8.57 -6.60 4.50
C PRO A 4 -9.27 -7.48 5.50
N ARG A 5 -9.45 -8.77 5.22
CA ARG A 5 -10.25 -9.66 6.04
C ARG A 5 -9.48 -10.94 6.32
N ARG A 6 -9.66 -11.47 7.53
CA ARG A 6 -8.99 -12.70 7.96
CA ARG A 6 -9.00 -12.71 7.94
C ARG A 6 -10.00 -13.60 8.64
N ARG A 7 -10.06 -14.85 8.21
CA ARG A 7 -10.92 -15.82 8.87
C ARG A 7 -10.07 -16.60 9.86
N ARG A 8 -10.63 -16.92 11.03
CA ARG A 8 -9.89 -17.71 12.00
C ARG A 8 -10.21 -19.19 11.75
N SER A 9 -9.31 -19.89 11.07
CA SER A 9 -9.50 -21.31 10.78
C SER A 9 -8.98 -22.21 11.90
N GLN A 10 -8.07 -21.69 12.71
CA GLN A 10 -7.47 -22.31 13.90
C GLN A 10 -7.83 -23.79 14.12
N ASN B 13 -19.30 -30.88 11.30
CA ASN B 13 -19.83 -31.87 12.23
C ASN B 13 -21.34 -31.78 12.36
N TRP B 14 -21.85 -30.86 13.17
CA TRP B 14 -23.29 -30.71 13.29
C TRP B 14 -23.88 -30.17 11.99
N SER B 15 -25.15 -30.46 11.79
CA SER B 15 -25.90 -29.82 10.72
C SER B 15 -26.42 -28.47 11.18
N VAL B 16 -26.64 -27.57 10.22
CA VAL B 16 -27.18 -26.26 10.56
C VAL B 16 -28.52 -26.41 11.26
N GLU B 17 -29.31 -27.39 10.81
CA GLU B 17 -30.58 -27.70 11.44
C GLU B 17 -30.42 -27.99 12.93
N ASP B 18 -29.42 -28.79 13.30
CA ASP B 18 -29.22 -29.10 14.72
C ASP B 18 -28.67 -27.89 15.49
N ILE B 19 -27.78 -27.10 14.87
CA ILE B 19 -27.33 -25.87 15.50
C ILE B 19 -28.51 -24.98 15.85
N VAL B 20 -29.45 -24.82 14.90
CA VAL B 20 -30.62 -23.97 15.14
C VAL B 20 -31.43 -24.51 16.31
N LYS B 21 -31.63 -25.83 16.35
CA LYS B 21 -32.36 -26.45 17.45
C LYS B 21 -31.72 -26.13 18.80
N GLY B 22 -30.41 -26.30 18.89
CA GLY B 22 -29.73 -26.00 20.15
C GLY B 22 -29.83 -24.53 20.54
N ILE B 23 -29.61 -23.63 19.57
CA ILE B 23 -29.63 -22.19 19.84
C ILE B 23 -31.00 -21.75 20.34
N ASN B 24 -32.06 -22.34 19.80
CA ASN B 24 -33.43 -21.96 20.14
C ASN B 24 -33.96 -22.66 21.39
N SER B 25 -33.11 -23.43 22.08
CA SER B 25 -33.57 -24.23 23.21
C SER B 25 -33.80 -23.43 24.47
N ASN B 26 -33.26 -22.22 24.58
CA ASN B 26 -33.35 -21.43 25.82
C ASN B 26 -32.73 -22.19 27.01
N ASN B 27 -31.77 -23.05 26.71
CA ASN B 27 -30.93 -23.72 27.70
C ASN B 27 -29.52 -23.21 27.42
N LEU B 28 -28.96 -22.43 28.35
CA LEU B 28 -27.67 -21.79 28.09
C LEU B 28 -26.61 -22.80 27.70
N GLU B 29 -26.55 -23.94 28.41
CA GLU B 29 -25.50 -24.90 28.08
C GLU B 29 -25.76 -25.52 26.71
N SER B 30 -27.02 -25.87 26.41
CA SER B 30 -27.37 -26.30 25.05
C SER B 30 -27.01 -25.23 24.02
N GLN B 31 -27.26 -23.97 24.35
CA GLN B 31 -26.91 -22.90 23.42
C GLN B 31 -25.40 -22.81 23.21
N LEU B 32 -24.64 -22.93 24.30
CA LEU B 32 -23.18 -22.93 24.21
C LEU B 32 -22.65 -24.04 23.31
N GLN B 33 -23.11 -25.27 23.54
CA GLN B 33 -22.66 -26.40 22.71
C GLN B 33 -23.01 -26.19 21.23
N ALA B 34 -24.21 -25.66 20.96
CA ALA B 34 -24.58 -25.40 19.57
C ALA B 34 -23.76 -24.25 18.97
N THR B 35 -23.41 -23.25 19.79
CA THR B 35 -22.62 -22.14 19.28
C THR B 35 -21.21 -22.60 18.97
N GLN B 36 -20.66 -23.46 19.83
CA GLN B 36 -19.36 -24.04 19.52
C GLN B 36 -19.41 -24.86 18.25
N ALA B 37 -20.51 -25.62 18.04
CA ALA B 37 -20.63 -26.40 16.81
C ALA B 37 -20.68 -25.50 15.58
N ALA B 38 -21.38 -24.36 15.68
CA ALA B 38 -21.38 -23.36 14.61
C ALA B 38 -19.97 -22.84 14.37
N ARG B 39 -19.24 -22.52 15.45
CA ARG B 39 -17.86 -22.03 15.32
C ARG B 39 -17.00 -23.01 14.52
N LYS B 40 -17.13 -24.31 14.83
CA LYS B 40 -16.30 -25.30 14.15
C LYS B 40 -16.68 -25.44 12.68
N LEU B 41 -17.99 -25.46 12.38
CA LEU B 41 -18.46 -25.39 10.99
C LEU B 41 -17.87 -24.18 10.26
N LEU B 42 -17.89 -23.02 10.90
CA LEU B 42 -17.43 -21.79 10.27
C LEU B 42 -15.91 -21.69 10.20
N SER B 43 -15.20 -22.57 10.89
CA SER B 43 -13.74 -22.55 10.96
C SER B 43 -13.08 -23.59 10.05
N ARG B 44 -13.86 -24.41 9.36
CA ARG B 44 -13.27 -25.37 8.43
C ARG B 44 -12.74 -24.66 7.19
N GLU B 45 -11.66 -25.23 6.63
CA GLU B 45 -11.02 -24.59 5.48
C GLU B 45 -11.89 -24.69 4.22
N LYS B 46 -12.55 -25.83 4.02
CA LYS B 46 -13.37 -26.06 2.84
C LYS B 46 -14.69 -25.30 2.97
N GLN B 47 -14.92 -24.33 2.07
CA GLN B 47 -16.12 -23.49 1.94
C GLN B 47 -17.02 -23.47 3.16
N PRO B 48 -16.72 -22.67 4.17
CA PRO B 48 -17.60 -22.57 5.35
C PRO B 48 -19.00 -22.17 4.94
N PRO B 49 -20.04 -22.77 5.53
CA PRO B 49 -21.43 -22.48 5.13
C PRO B 49 -21.98 -21.18 5.72
N ILE B 50 -21.30 -20.06 5.40
CA ILE B 50 -21.68 -18.77 5.96
C ILE B 50 -23.12 -18.40 5.59
N ASP B 51 -23.47 -18.47 4.30
CA ASP B 51 -24.81 -18.04 3.90
C ASP B 51 -25.88 -18.90 4.55
N ASN B 52 -25.63 -20.21 4.67
CA ASN B 52 -26.58 -21.08 5.37
C ASN B 52 -26.78 -20.64 6.82
N ILE B 53 -25.69 -20.31 7.51
CA ILE B 53 -25.82 -19.85 8.90
C ILE B 53 -26.59 -18.54 8.96
N ILE B 54 -26.34 -17.63 8.01
CA ILE B 54 -27.06 -16.36 8.00
C ILE B 54 -28.55 -16.57 7.70
N ARG B 55 -28.85 -17.40 6.70
CA ARG B 55 -30.25 -17.61 6.33
C ARG B 55 -31.02 -18.28 7.46
N ALA B 56 -30.35 -19.11 8.25
CA ALA B 56 -31.00 -19.71 9.41
C ALA B 56 -31.34 -18.69 10.48
N GLY B 57 -30.92 -17.43 10.32
CA GLY B 57 -31.30 -16.41 11.27
C GLY B 57 -30.50 -16.40 12.55
N LEU B 58 -29.27 -16.93 12.54
CA LEU B 58 -28.50 -17.12 13.77
C LEU B 58 -27.74 -15.87 14.22
N ILE B 59 -27.50 -14.89 13.35
CA ILE B 59 -26.64 -13.76 13.72
C ILE B 59 -27.18 -12.99 14.93
N PRO B 60 -28.47 -12.64 14.98
CA PRO B 60 -28.96 -11.93 16.17
C PRO B 60 -28.77 -12.70 17.47
N LYS B 61 -28.86 -14.04 17.42
CA LYS B 61 -28.62 -14.83 18.61
C LYS B 61 -27.15 -14.80 19.01
N PHE B 62 -26.25 -14.98 18.03
CA PHE B 62 -24.83 -14.82 18.30
C PHE B 62 -24.56 -13.46 18.94
N VAL B 63 -25.14 -12.40 18.38
CA VAL B 63 -24.88 -11.07 18.94
C VAL B 63 -25.38 -11.00 20.37
N SER B 64 -26.55 -11.57 20.66
CA SER B 64 -26.99 -11.49 22.04
C SER B 64 -26.06 -12.28 22.97
N PHE B 65 -25.49 -13.40 22.49
CA PHE B 65 -24.54 -14.15 23.32
C PHE B 65 -23.26 -13.36 23.65
N LEU B 66 -22.90 -12.38 22.82
CA LEU B 66 -21.74 -11.54 23.12
C LEU B 66 -21.91 -10.83 24.45
N GLY B 67 -23.13 -10.55 24.85
CA GLY B 67 -23.36 -9.87 26.10
C GLY B 67 -23.45 -10.74 27.35
N LYS B 68 -23.28 -12.07 27.25
CA LYS B 68 -23.49 -12.95 28.41
C LYS B 68 -22.23 -12.98 29.28
N THR B 69 -22.05 -11.94 30.09
CA THR B 69 -20.80 -11.81 30.85
C THR B 69 -20.65 -12.94 31.86
N ASP B 70 -21.75 -13.55 32.28
CA ASP B 70 -21.67 -14.66 33.22
C ASP B 70 -21.17 -15.94 32.57
N CYS B 71 -21.26 -16.05 31.25
CA CYS B 71 -20.85 -17.25 30.52
C CYS B 71 -19.83 -16.84 29.47
N SER B 72 -18.61 -16.54 29.92
CA SER B 72 -17.57 -16.14 28.98
C SER B 72 -17.32 -17.18 27.89
N PRO B 73 -17.43 -18.50 28.10
CA PRO B 73 -17.30 -19.42 26.95
C PRO B 73 -18.26 -19.11 25.81
N ILE B 74 -19.52 -18.75 26.09
CA ILE B 74 -20.39 -18.51 24.95
C ILE B 74 -20.12 -17.14 24.32
N GLN B 75 -19.57 -16.19 25.08
CA GLN B 75 -19.06 -14.95 24.49
C GLN B 75 -17.97 -15.24 23.48
N PHE B 76 -17.00 -16.07 23.86
CA PHE B 76 -15.89 -16.43 22.98
C PHE B 76 -16.38 -17.15 21.73
N GLU B 77 -17.22 -18.17 21.89
CA GLU B 77 -17.66 -18.95 20.73
C GLU B 77 -18.49 -18.12 19.76
N SER B 78 -19.39 -17.29 20.30
CA SER B 78 -20.16 -16.36 19.47
C SER B 78 -19.25 -15.36 18.77
N ALA B 79 -18.27 -14.80 19.49
CA ALA B 79 -17.34 -13.85 18.89
C ALA B 79 -16.59 -14.47 17.73
N TRP B 80 -16.11 -15.70 17.91
CA TRP B 80 -15.40 -16.41 16.86
C TRP B 80 -16.31 -16.70 15.68
N ALA B 81 -17.51 -17.22 15.95
CA ALA B 81 -18.45 -17.48 14.86
C ALA B 81 -18.71 -16.21 14.07
N LEU B 82 -18.98 -15.09 14.76
CA LEU B 82 -19.27 -13.85 14.07
C LEU B 82 -18.05 -13.30 13.34
N THR B 83 -16.87 -13.46 13.94
CA THR B 83 -15.65 -13.06 13.24
C THR B 83 -15.58 -13.71 11.86
N ASN B 84 -15.88 -15.00 11.79
CA ASN B 84 -15.70 -15.68 10.53
C ASN B 84 -16.81 -15.35 9.54
N ILE B 85 -18.03 -15.09 10.02
CA ILE B 85 -19.05 -14.55 9.12
C ILE B 85 -18.59 -13.21 8.55
N ALA B 86 -18.06 -12.33 9.41
CA ALA B 86 -17.65 -11.02 8.93
C ALA B 86 -16.40 -11.06 8.05
N SER B 87 -15.73 -12.21 7.96
CA SER B 87 -14.55 -12.35 7.12
C SER B 87 -14.88 -12.58 5.65
N GLY B 88 -16.15 -12.71 5.30
CA GLY B 88 -16.53 -13.09 3.95
C GLY B 88 -16.82 -11.89 3.08
N THR B 89 -17.88 -11.99 2.28
CA THR B 89 -18.22 -10.94 1.34
C THR B 89 -18.77 -9.71 2.07
N SER B 90 -18.88 -8.60 1.33
CA SER B 90 -19.46 -7.40 1.92
C SER B 90 -20.88 -7.66 2.43
N GLU B 91 -21.66 -8.46 1.72
CA GLU B 91 -23.02 -8.70 2.18
C GLU B 91 -23.02 -9.54 3.45
N GLN B 92 -22.03 -10.43 3.59
CA GLN B 92 -21.92 -11.20 4.82
C GLN B 92 -21.44 -10.32 5.97
N THR B 93 -20.44 -9.48 5.74
CA THR B 93 -20.05 -8.52 6.76
C THR B 93 -21.22 -7.62 7.15
N LYS B 94 -22.01 -7.19 6.16
CA LYS B 94 -23.16 -6.35 6.44
C LYS B 94 -24.15 -7.05 7.36
N ALA B 95 -24.32 -8.36 7.18
CA ALA B 95 -25.28 -9.07 8.03
C ALA B 95 -24.86 -9.00 9.50
N VAL B 96 -23.55 -9.10 9.77
CA VAL B 96 -23.05 -8.98 11.13
C VAL B 96 -23.29 -7.58 11.69
N VAL B 97 -22.95 -6.54 10.91
CA VAL B 97 -23.23 -5.17 11.36
C VAL B 97 -24.73 -4.97 11.60
N ASP B 98 -25.55 -5.38 10.65
CA ASP B 98 -27.01 -5.27 10.82
C ASP B 98 -27.53 -5.98 12.07
N GLY B 99 -26.84 -7.02 12.55
CA GLY B 99 -27.30 -7.63 13.78
C GLY B 99 -26.97 -6.88 15.04
N GLY B 100 -26.36 -5.70 14.96
CA GLY B 100 -25.96 -4.97 16.14
C GLY B 100 -24.57 -5.31 16.67
N ALA B 101 -23.74 -5.97 15.88
CA ALA B 101 -22.49 -6.51 16.44
C ALA B 101 -21.47 -5.45 16.79
N ILE B 102 -21.50 -4.27 16.18
CA ILE B 102 -20.40 -3.32 16.44
C ILE B 102 -20.35 -2.90 17.91
N PRO B 103 -21.42 -2.38 18.52
CA PRO B 103 -21.27 -1.96 19.91
C PRO B 103 -21.05 -3.14 20.85
N ALA B 104 -21.61 -4.31 20.54
CA ALA B 104 -21.40 -5.48 21.38
C ALA B 104 -19.93 -5.89 21.39
N PHE B 105 -19.25 -5.84 20.22
CA PHE B 105 -17.83 -6.19 20.19
C PHE B 105 -16.98 -5.13 20.89
N ILE B 106 -17.32 -3.85 20.72
CA ILE B 106 -16.58 -2.80 21.41
C ILE B 106 -16.69 -2.99 22.91
N SER B 107 -17.86 -3.42 23.39
CA SER B 107 -18.01 -3.70 24.81
C SER B 107 -17.10 -4.84 25.24
N LEU B 108 -16.85 -5.81 24.36
CA LEU B 108 -16.02 -6.95 24.70
C LEU B 108 -14.53 -6.62 24.74
N LEU B 109 -14.11 -5.48 24.19
CA LEU B 109 -12.69 -5.13 24.26
C LEU B 109 -12.20 -5.03 25.69
N ALA B 110 -13.09 -4.76 26.64
CA ALA B 110 -12.72 -4.62 28.03
C ALA B 110 -12.88 -5.92 28.82
N SER B 111 -13.09 -7.04 28.14
CA SER B 111 -13.26 -8.30 28.84
C SER B 111 -11.99 -8.63 29.63
N PRO B 112 -12.14 -9.14 30.86
CA PRO B 112 -10.97 -9.60 31.61
C PRO B 112 -10.30 -10.82 31.01
N HIS B 113 -10.96 -11.49 30.06
CA HIS B 113 -10.40 -12.66 29.39
C HIS B 113 -9.70 -12.22 28.11
N ALA B 114 -8.37 -12.39 28.07
CA ALA B 114 -7.58 -11.94 26.93
C ALA B 114 -8.04 -12.58 25.64
N HIS B 115 -8.38 -13.88 25.67
CA HIS B 115 -8.76 -14.53 24.42
C HIS B 115 -10.09 -13.96 23.89
N ILE B 116 -10.93 -13.42 24.77
CA ILE B 116 -12.19 -12.87 24.32
C ILE B 116 -12.00 -11.46 23.76
N SER B 117 -11.26 -10.61 24.47
CA SER B 117 -11.01 -9.28 23.92
C SER B 117 -10.26 -9.38 22.60
N GLU B 118 -9.33 -10.32 22.49
CA GLU B 118 -8.61 -10.51 21.24
C GLU B 118 -9.56 -10.87 20.11
N GLN B 119 -10.58 -11.69 20.40
CA GLN B 119 -11.53 -12.06 19.34
C GLN B 119 -12.38 -10.85 18.93
N ALA B 120 -12.70 -9.95 19.87
CA ALA B 120 -13.41 -8.74 19.53
C ALA B 120 -12.55 -7.81 18.68
N VAL B 121 -11.26 -7.72 19.01
CA VAL B 121 -10.32 -6.96 18.18
C VAL B 121 -10.36 -7.48 16.75
N TRP B 122 -10.24 -8.81 16.59
CA TRP B 122 -10.24 -9.44 15.29
C TRP B 122 -11.53 -9.16 14.52
N ALA B 123 -12.67 -9.31 15.17
CA ALA B 123 -13.94 -9.06 14.52
C ALA B 123 -14.06 -7.61 14.04
N LEU B 124 -13.65 -6.67 14.88
CA LEU B 124 -13.74 -5.27 14.49
C LEU B 124 -12.78 -4.95 13.35
N GLY B 125 -11.62 -5.63 13.30
CA GLY B 125 -10.75 -5.52 12.13
C GLY B 125 -11.44 -5.95 10.85
N ASN B 126 -12.15 -7.08 10.90
CA ASN B 126 -12.87 -7.56 9.71
C ASN B 126 -13.95 -6.56 9.30
N ILE B 127 -14.70 -6.04 10.27
CA ILE B 127 -15.77 -5.11 9.95
C ILE B 127 -15.21 -3.82 9.36
N ALA B 128 -14.21 -3.23 10.02
CA ALA B 128 -13.59 -2.02 9.51
C ALA B 128 -12.96 -2.23 8.15
N GLY B 129 -12.46 -3.44 7.88
CA GLY B 129 -11.82 -3.73 6.61
C GLY B 129 -12.77 -3.84 5.43
N ASP B 130 -14.07 -3.80 5.67
CA ASP B 130 -14.99 -3.88 4.53
C ASP B 130 -14.86 -2.67 3.61
N GLY B 131 -14.61 -1.50 4.17
CA GLY B 131 -14.60 -0.30 3.38
C GLY B 131 -14.79 0.92 4.26
N SER B 132 -14.84 2.07 3.59
CA SER B 132 -14.81 3.36 4.26
C SER B 132 -15.99 3.53 5.22
N ALA B 133 -17.18 3.11 4.79
CA ALA B 133 -18.38 3.37 5.59
C ALA B 133 -18.34 2.59 6.90
N PHE B 134 -18.03 1.29 6.84
CA PHE B 134 -18.01 0.49 8.07
C PHE B 134 -16.82 0.87 8.95
N ARG B 135 -15.68 1.18 8.33
CA ARG B 135 -14.56 1.76 9.07
C ARG B 135 -15.03 2.97 9.88
N ASP B 136 -15.68 3.93 9.23
CA ASP B 136 -16.08 5.13 9.95
C ASP B 136 -17.19 4.83 10.94
N LEU B 137 -17.98 3.79 10.68
CA LEU B 137 -19.02 3.43 11.64
C LEU B 137 -18.42 2.81 12.90
N VAL B 138 -17.41 1.96 12.73
CA VAL B 138 -16.68 1.43 13.89
C VAL B 138 -16.10 2.58 14.71
N ILE B 139 -15.58 3.60 14.02
CA ILE B 139 -15.01 4.74 14.73
C ILE B 139 -16.10 5.51 15.48
N LYS B 140 -17.24 5.74 14.85
CA LYS B 140 -18.30 6.50 15.53
C LYS B 140 -18.85 5.77 16.75
N HIS B 141 -18.82 4.43 16.75
CA HIS B 141 -19.25 3.68 17.92
C HIS B 141 -18.22 3.69 19.03
N GLY B 142 -17.06 4.33 18.82
CA GLY B 142 -16.10 4.51 19.88
C GLY B 142 -15.05 3.42 20.01
N ALA B 143 -14.63 2.81 18.91
CA ALA B 143 -13.69 1.69 19.05
C ALA B 143 -12.27 2.14 19.37
N ILE B 144 -11.89 3.37 19.02
CA ILE B 144 -10.47 3.71 19.06
C ILE B 144 -9.95 3.78 20.50
N ASP B 145 -10.68 4.47 21.40
CA ASP B 145 -10.19 4.62 22.78
C ASP B 145 -9.90 3.24 23.40
N PRO B 146 -10.86 2.29 23.44
CA PRO B 146 -10.54 1.01 24.07
C PRO B 146 -9.51 0.20 23.31
N LEU B 147 -9.43 0.31 21.98
CA LEU B 147 -8.37 -0.39 21.27
C LEU B 147 -7.00 0.12 21.72
N LEU B 148 -6.84 1.45 21.77
CA LEU B 148 -5.53 2.00 22.13
C LEU B 148 -5.19 1.70 23.59
N ALA B 149 -6.21 1.68 24.45
CA ALA B 149 -5.99 1.36 25.86
C ALA B 149 -5.37 -0.03 26.03
N LEU B 150 -5.66 -0.98 25.12
CA LEU B 150 -5.05 -2.29 25.26
C LEU B 150 -3.55 -2.26 25.00
N LEU B 151 -3.05 -1.21 24.36
CA LEU B 151 -1.63 -1.07 24.05
C LEU B 151 -0.93 -0.07 24.96
N ALA B 152 -1.61 0.45 25.97
CA ALA B 152 -1.01 1.48 26.82
C ALA B 152 -0.21 0.83 27.95
N VAL B 153 0.85 0.13 27.54
CA VAL B 153 1.81 -0.48 28.46
C VAL B 153 3.16 0.16 28.16
N PRO B 154 4.07 0.24 29.14
CA PRO B 154 5.34 0.95 28.90
C PRO B 154 6.22 0.24 27.89
N ASP B 155 6.12 -1.08 27.78
CA ASP B 155 6.91 -1.84 26.82
C ASP B 155 6.03 -2.88 26.13
N LEU B 156 5.86 -2.72 24.81
CA LEU B 156 5.02 -3.64 24.03
C LEU B 156 5.48 -5.07 24.16
N SER B 157 6.77 -5.29 24.44
CA SER B 157 7.29 -6.65 24.56
C SER B 157 6.65 -7.44 25.69
N THR B 158 5.88 -6.81 26.59
CA THR B 158 5.25 -7.61 27.62
C THR B 158 3.92 -8.20 27.18
N LEU B 159 3.41 -7.79 26.02
CA LEU B 159 2.14 -8.30 25.50
C LEU B 159 2.36 -9.62 24.79
N ALA B 160 1.32 -10.44 24.76
CA ALA B 160 1.40 -11.67 24.00
C ALA B 160 1.53 -11.35 22.52
N CYS B 161 2.35 -12.12 21.83
CA CYS B 161 2.71 -11.81 20.46
C CYS B 161 1.51 -11.92 19.52
N GLY B 162 0.69 -12.98 19.65
CA GLY B 162 -0.48 -13.09 18.80
C GLY B 162 -1.48 -11.97 19.06
N TYR B 163 -1.66 -11.61 20.34
CA TYR B 163 -2.49 -10.47 20.72
C TYR B 163 -2.03 -9.18 20.04
N LEU B 164 -0.72 -8.92 20.07
CA LEU B 164 -0.16 -7.70 19.51
C LEU B 164 -0.33 -7.64 17.99
N ARG B 165 -0.10 -8.75 17.30
CA ARG B 165 -0.29 -8.76 15.85
C ARG B 165 -1.73 -8.48 15.47
N ASN B 166 -2.68 -9.00 16.24
CA ASN B 166 -4.09 -8.78 15.91
C ASN B 166 -4.46 -7.32 16.12
N LEU B 167 -4.00 -6.71 17.19
CA LEU B 167 -4.27 -5.29 17.41
C LEU B 167 -3.65 -4.44 16.31
N THR B 168 -2.40 -4.75 15.91
CA THR B 168 -1.77 -3.95 14.85
C THR B 168 -2.56 -4.05 13.55
N TRP B 169 -2.93 -5.27 13.18
CA TRP B 169 -3.66 -5.46 11.94
C TRP B 169 -5.01 -4.72 11.98
N THR B 170 -5.73 -4.79 13.10
CA THR B 170 -7.01 -4.09 13.19
C THR B 170 -6.82 -2.58 13.11
N LEU B 171 -5.79 -2.05 13.78
CA LEU B 171 -5.51 -0.62 13.67
C LEU B 171 -5.20 -0.25 12.23
N SER B 172 -4.48 -1.12 11.50
CA SER B 172 -4.17 -0.83 10.11
C SER B 172 -5.42 -0.71 9.28
N ASN B 173 -6.43 -1.56 9.54
CA ASN B 173 -7.69 -1.42 8.83
C ASN B 173 -8.42 -0.12 9.16
N LEU B 174 -8.25 0.41 10.37
CA LEU B 174 -8.86 1.71 10.67
C LEU B 174 -8.16 2.83 9.90
N CYS B 175 -6.93 2.59 9.43
CA CYS B 175 -6.20 3.56 8.63
C CYS B 175 -6.44 3.37 7.13
N ARG B 176 -7.09 2.28 6.74
CA ARG B 176 -7.19 1.87 5.35
C ARG B 176 -8.37 2.56 4.65
N ASN B 177 -8.29 2.58 3.31
CA ASN B 177 -9.33 3.01 2.38
C ASN B 177 -9.49 4.51 2.22
N LYS B 178 -10.08 4.90 1.09
CA LYS B 178 -10.21 6.30 0.68
C LYS B 178 -11.64 6.56 0.23
N ASN B 179 -11.89 7.80 -0.20
CA ASN B 179 -13.22 8.25 -0.59
C ASN B 179 -14.30 7.90 0.44
N PRO B 180 -14.21 8.44 1.65
CA PRO B 180 -13.14 9.32 2.15
C PRO B 180 -12.00 8.58 2.85
N ALA B 181 -10.87 9.26 3.03
CA ALA B 181 -9.84 8.84 3.97
C ALA B 181 -10.38 8.83 5.40
N PRO B 182 -9.70 8.17 6.35
CA PRO B 182 -10.20 8.17 7.73
C PRO B 182 -10.28 9.57 8.30
N PRO B 183 -11.18 9.80 9.26
CA PRO B 183 -11.30 11.13 9.87
C PRO B 183 -9.97 11.59 10.45
N LEU B 184 -9.70 12.89 10.26
CA LEU B 184 -8.39 13.43 10.61
C LEU B 184 -8.12 13.23 12.09
N ASP B 185 -9.14 13.43 12.92
CA ASP B 185 -8.95 13.29 14.37
C ASP B 185 -8.71 11.84 14.77
N ALA B 186 -9.29 10.89 14.04
CA ALA B 186 -9.01 9.48 14.32
C ALA B 186 -7.56 9.16 13.98
N VAL B 187 -7.09 9.62 12.81
CA VAL B 187 -5.69 9.40 12.43
C VAL B 187 -4.77 9.99 13.49
N GLU B 188 -5.06 11.21 13.94
CA GLU B 188 -4.13 11.84 14.86
C GLU B 188 -4.16 11.11 16.22
N GLN B 189 -5.31 10.56 16.62
CA GLN B 189 -5.40 9.74 17.83
C GLN B 189 -4.62 8.44 17.72
N ILE B 190 -4.65 7.77 16.57
CA ILE B 190 -4.00 6.48 16.41
C ILE B 190 -2.48 6.63 16.21
N LEU B 191 -2.04 7.73 15.60
CA LEU B 191 -0.66 7.78 15.09
C LEU B 191 0.40 7.49 16.13
N PRO B 192 0.40 8.08 17.32
CA PRO B 192 1.49 7.76 18.26
C PRO B 192 1.59 6.28 18.59
N THR B 193 0.47 5.56 18.66
CA THR B 193 0.54 4.12 18.91
C THR B 193 1.10 3.39 17.71
N LEU B 194 0.67 3.80 16.51
CA LEU B 194 1.21 3.28 15.28
C LEU B 194 2.73 3.45 15.23
N VAL B 195 3.24 4.61 15.65
CA VAL B 195 4.68 4.84 15.63
C VAL B 195 5.40 3.90 16.60
N ARG B 196 4.80 3.62 17.76
CA ARG B 196 5.36 2.59 18.66
C ARG B 196 5.43 1.24 17.96
N LEU B 197 4.36 0.87 17.26
CA LEU B 197 4.32 -0.44 16.62
C LEU B 197 5.35 -0.50 15.48
N LEU B 198 5.55 0.61 14.77
CA LEU B 198 6.56 0.65 13.69
C LEU B 198 7.98 0.46 14.22
N HIS B 199 8.20 0.61 15.51
CA HIS B 199 9.53 0.39 16.09
C HIS B 199 9.63 -0.93 16.85
N HIS B 200 8.59 -1.76 16.78
CA HIS B 200 8.58 -3.03 17.50
C HIS B 200 9.33 -4.10 16.69
N ASN B 201 9.96 -5.05 17.39
CA ASN B 201 10.83 -6.04 16.76
C ASN B 201 10.11 -7.30 16.24
N ASP B 202 8.83 -7.26 16.00
CA ASP B 202 8.23 -8.48 15.43
C ASP B 202 7.94 -8.30 13.96
N PRO B 203 8.39 -9.19 13.07
CA PRO B 203 8.27 -8.89 11.64
C PRO B 203 6.83 -8.75 11.17
N GLU B 204 5.87 -9.44 11.79
CA GLU B 204 4.48 -9.28 11.39
C GLU B 204 3.92 -7.95 11.87
N VAL B 205 4.27 -7.53 13.10
CA VAL B 205 3.86 -6.22 13.58
C VAL B 205 4.46 -5.12 12.71
N LEU B 206 5.74 -5.27 12.38
CA LEU B 206 6.41 -4.30 11.50
C LEU B 206 5.71 -4.22 10.14
N ALA B 207 5.37 -5.35 9.54
CA ALA B 207 4.74 -5.33 8.22
C ALA B 207 3.40 -4.56 8.23
N ASP B 208 2.52 -4.90 9.18
CA ASP B 208 1.20 -4.29 9.22
C ASP B 208 1.26 -2.82 9.67
N SER B 209 2.20 -2.47 10.55
CA SER B 209 2.46 -1.06 10.85
C SER B 209 2.86 -0.29 9.60
N CYS B 210 3.81 -0.84 8.83
CA CYS B 210 4.19 -0.22 7.56
C CYS B 210 3.00 -0.08 6.62
N TRP B 211 2.16 -1.12 6.53
CA TRP B 211 0.95 -1.01 5.69
C TRP B 211 0.10 0.16 6.15
N ALA B 212 -0.16 0.24 7.47
CA ALA B 212 -0.96 1.34 8.02
C ALA B 212 -0.38 2.70 7.62
N ILE B 213 0.94 2.87 7.76
CA ILE B 213 1.59 4.12 7.40
C ILE B 213 1.45 4.37 5.90
N SER B 214 1.56 3.30 5.08
CA SER B 214 1.37 3.50 3.64
C SER B 214 -0.05 3.94 3.31
N TYR B 215 -1.06 3.42 4.02
CA TYR B 215 -2.41 3.93 3.79
C TYR B 215 -2.50 5.41 4.16
N LEU B 216 -1.93 5.79 5.30
CA LEU B 216 -2.07 7.18 5.77
C LEU B 216 -1.37 8.17 4.84
N THR B 217 -0.31 7.74 4.14
CA THR B 217 0.45 8.64 3.28
C THR B 217 -0.05 8.60 1.83
N ASP B 218 -1.05 7.76 1.54
CA ASP B 218 -1.68 7.67 0.22
C ASP B 218 -2.79 8.72 0.16
N GLY B 219 -2.40 9.97 -0.03
CA GLY B 219 -3.36 11.05 -0.07
C GLY B 219 -2.70 12.41 -0.22
N PRO B 220 -3.44 13.48 0.04
CA PRO B 220 -2.91 14.84 -0.17
C PRO B 220 -1.77 15.15 0.78
N ASN B 221 -1.03 16.23 0.46
CA ASN B 221 0.20 16.54 1.20
C ASN B 221 -0.08 16.75 2.68
N GLU B 222 -1.28 17.22 3.03
CA GLU B 222 -1.59 17.45 4.43
C GLU B 222 -1.60 16.14 5.21
N ARG B 223 -2.05 15.06 4.59
CA ARG B 223 -2.01 13.76 5.25
C ARG B 223 -0.59 13.22 5.34
N ILE B 224 0.19 13.39 4.27
CA ILE B 224 1.60 13.03 4.33
C ILE B 224 2.29 13.78 5.46
N GLU B 225 1.99 15.08 5.60
CA GLU B 225 2.69 15.89 6.60
C GLU B 225 2.42 15.38 8.01
N MET B 226 1.19 15.00 8.28
CA MET B 226 0.85 14.52 9.61
C MET B 226 1.63 13.27 9.97
N VAL B 227 1.97 12.42 8.97
CA VAL B 227 2.82 11.27 9.23
C VAL B 227 4.28 11.69 9.35
N VAL B 228 4.75 12.51 8.41
CA VAL B 228 6.16 12.89 8.40
C VAL B 228 6.53 13.67 9.66
N LYS B 229 5.60 14.48 10.18
CA LYS B 229 5.90 15.26 11.38
C LYS B 229 6.10 14.39 12.61
N LYS B 230 5.60 13.13 12.62
CA LYS B 230 5.89 12.23 13.73
C LYS B 230 7.28 11.60 13.66
N GLY B 231 8.10 11.94 12.66
CA GLY B 231 9.49 11.48 12.64
C GLY B 231 9.70 10.04 12.22
N VAL B 232 8.77 9.44 11.48
CA VAL B 232 8.86 8.04 11.09
C VAL B 232 9.73 7.79 9.85
N VAL B 233 10.11 8.81 9.09
CA VAL B 233 10.86 8.55 7.86
C VAL B 233 12.14 7.77 8.11
N PRO B 234 12.96 8.10 9.10
CA PRO B 234 14.16 7.27 9.34
C PRO B 234 13.85 5.80 9.58
N GLN B 235 12.80 5.51 10.34
CA GLN B 235 12.45 4.11 10.55
C GLN B 235 11.96 3.48 9.27
N LEU B 236 11.18 4.21 8.47
CA LEU B 236 10.75 3.66 7.18
C LEU B 236 11.96 3.30 6.33
N VAL B 237 12.96 4.18 6.31
CA VAL B 237 14.15 3.93 5.48
C VAL B 237 14.90 2.69 5.98
N LYS B 238 15.00 2.53 7.30
CA LYS B 238 15.57 1.33 7.87
C LYS B 238 14.83 0.08 7.41
N LEU B 239 13.50 0.11 7.49
CA LEU B 239 12.72 -1.07 7.08
C LEU B 239 12.82 -1.29 5.58
N LEU B 240 13.03 -0.21 4.82
CA LEU B 240 13.28 -0.34 3.39
C LEU B 240 14.43 -1.29 3.10
N GLY B 241 15.37 -1.42 4.02
CA GLY B 241 16.48 -2.33 3.83
C GLY B 241 16.31 -3.68 4.47
N ALA B 242 15.14 -3.99 5.02
CA ALA B 242 14.92 -5.29 5.65
C ALA B 242 15.16 -6.44 4.66
N THR B 243 15.45 -7.62 5.21
CA THR B 243 15.56 -8.81 4.37
C THR B 243 14.20 -9.42 4.07
N GLU B 244 13.16 -9.04 4.80
CA GLU B 244 11.84 -9.66 4.64
C GLU B 244 11.04 -8.89 3.58
N LEU B 245 10.74 -9.57 2.48
CA LEU B 245 9.85 -8.98 1.48
C LEU B 245 8.55 -8.44 2.06
N PRO B 246 7.86 -9.11 3.01
CA PRO B 246 6.62 -8.52 3.56
C PRO B 246 6.82 -7.22 4.29
N ILE B 247 8.04 -6.87 4.66
CA ILE B 247 8.33 -5.57 5.25
C ILE B 247 8.79 -4.57 4.19
N VAL B 248 9.71 -4.95 3.31
CA VAL B 248 10.17 -4.01 2.28
C VAL B 248 9.00 -3.49 1.46
N THR B 249 8.04 -4.37 1.12
CA THR B 249 6.95 -3.97 0.24
C THR B 249 6.17 -2.79 0.79
N PRO B 250 5.60 -2.85 2.02
CA PRO B 250 4.88 -1.67 2.51
C PRO B 250 5.78 -0.49 2.83
N ALA B 251 7.02 -0.74 3.26
CA ALA B 251 7.96 0.36 3.51
C ALA B 251 8.21 1.15 2.24
N LEU B 252 8.41 0.45 1.12
CA LEU B 252 8.60 1.13 -0.15
C LEU B 252 7.34 1.87 -0.60
N ARG B 253 6.16 1.26 -0.41
CA ARG B 253 4.90 1.97 -0.73
C ARG B 253 4.80 3.29 0.01
N ALA B 254 5.08 3.27 1.32
CA ALA B 254 4.98 4.48 2.14
C ALA B 254 5.99 5.52 1.72
N ILE B 255 7.24 5.10 1.47
CA ILE B 255 8.25 6.03 0.96
C ILE B 255 7.81 6.58 -0.38
N GLY B 256 7.34 5.71 -1.28
CA GLY B 256 6.87 6.18 -2.58
C GLY B 256 5.76 7.21 -2.44
N ASN B 257 4.80 6.94 -1.55
CA ASN B 257 3.73 7.88 -1.28
C ASN B 257 4.28 9.22 -0.82
N ILE B 258 5.23 9.21 0.12
CA ILE B 258 5.70 10.44 0.73
C ILE B 258 6.33 11.36 -0.30
N VAL B 259 7.04 10.80 -1.28
CA VAL B 259 7.69 11.63 -2.28
C VAL B 259 6.73 12.08 -3.38
N THR B 260 5.46 11.71 -3.33
CA THR B 260 4.47 12.39 -4.16
C THR B 260 4.05 13.72 -3.55
N GLY B 261 4.56 14.08 -2.37
CA GLY B 261 4.19 15.31 -1.71
C GLY B 261 5.06 16.48 -2.13
N THR B 262 5.39 17.36 -1.19
CA THR B 262 6.18 18.54 -1.49
C THR B 262 7.66 18.19 -1.59
N ASP B 263 8.41 19.06 -2.28
CA ASP B 263 9.86 18.92 -2.33
C ASP B 263 10.47 18.81 -0.94
N GLU B 264 9.87 19.46 0.05
CA GLU B 264 10.43 19.38 1.40
C GLU B 264 10.13 18.03 2.04
N GLN B 265 8.95 17.46 1.78
CA GLN B 265 8.68 16.10 2.23
C GLN B 265 9.62 15.10 1.55
N THR B 266 9.82 15.25 0.23
CA THR B 266 10.78 14.42 -0.50
C THR B 266 12.19 14.56 0.10
N GLN B 267 12.59 15.77 0.51
CA GLN B 267 13.92 15.97 1.06
C GLN B 267 14.13 15.20 2.36
N LYS B 268 13.07 15.03 3.17
CA LYS B 268 13.21 14.24 4.39
C LYS B 268 13.58 12.81 4.06
N VAL B 269 12.98 12.26 3.00
CA VAL B 269 13.31 10.91 2.55
C VAL B 269 14.78 10.83 2.12
N ILE B 270 15.25 11.82 1.35
CA ILE B 270 16.65 11.83 0.93
C ILE B 270 17.56 12.01 2.14
N ASP B 271 17.18 12.92 3.06
CA ASP B 271 18.01 13.17 4.24
C ASP B 271 18.17 11.93 5.09
N ALA B 272 17.14 11.08 5.17
CA ALA B 272 17.20 9.89 5.99
C ALA B 272 18.05 8.78 5.40
N GLY B 273 18.54 8.96 4.18
CA GLY B 273 19.41 7.97 3.56
C GLY B 273 18.74 7.01 2.59
N ALA B 274 17.53 7.30 2.12
CA ALA B 274 16.80 6.35 1.28
C ALA B 274 17.56 6.02 0.00
N LEU B 275 18.17 7.02 -0.64
CA LEU B 275 18.72 6.76 -1.98
C LEU B 275 19.79 5.67 -1.95
N ALA B 276 20.42 5.43 -0.82
CA ALA B 276 21.49 4.42 -0.76
C ALA B 276 20.95 2.99 -0.84
N VAL B 277 19.64 2.77 -0.66
CA VAL B 277 19.12 1.42 -0.82
C VAL B 277 18.56 1.17 -2.21
N PHE B 278 18.53 2.21 -3.06
CA PHE B 278 17.95 2.04 -4.39
C PHE B 278 18.79 1.22 -5.37
N PRO B 279 20.12 1.13 -5.27
CA PRO B 279 20.83 0.15 -6.12
C PRO B 279 20.26 -1.25 -5.98
N SER B 280 19.98 -1.69 -4.74
CA SER B 280 19.35 -2.98 -4.52
C SER B 280 17.90 -2.98 -5.00
N LEU B 281 17.14 -1.93 -4.71
CA LEU B 281 15.72 -1.94 -5.05
C LEU B 281 15.52 -1.94 -6.56
N LEU B 282 16.35 -1.19 -7.28
CA LEU B 282 16.19 -1.07 -8.73
C LEU B 282 16.69 -2.31 -9.46
N THR B 283 17.34 -3.24 -8.76
CA THR B 283 17.70 -4.53 -9.35
C THR B 283 17.01 -5.69 -8.63
N ASN B 284 15.96 -5.42 -7.86
CA ASN B 284 15.36 -6.45 -7.00
C ASN B 284 14.71 -7.54 -7.86
N PRO B 285 14.89 -8.80 -7.52
CA PRO B 285 14.29 -9.87 -8.34
C PRO B 285 12.77 -9.83 -8.33
N LYS B 286 12.14 -9.14 -7.40
CA LYS B 286 10.68 -9.15 -7.37
C LYS B 286 10.22 -7.97 -8.21
N THR B 287 9.49 -8.25 -9.31
CA THR B 287 9.22 -7.20 -10.29
C THR B 287 8.40 -6.05 -9.71
N ASN B 288 7.50 -6.31 -8.75
CA ASN B 288 6.75 -5.19 -8.18
C ASN B 288 7.63 -4.30 -7.32
N ILE B 289 8.70 -4.84 -6.72
CA ILE B 289 9.64 -3.98 -6.02
C ILE B 289 10.35 -3.05 -7.00
N GLN B 290 10.86 -3.62 -8.10
CA GLN B 290 11.53 -2.79 -9.11
C GLN B 290 10.61 -1.71 -9.63
N LYS B 291 9.36 -2.09 -9.94
CA LYS B 291 8.41 -1.14 -10.48
C LYS B 291 8.16 0.00 -9.52
N GLU B 292 7.88 -0.32 -8.26
CA GLU B 292 7.61 0.71 -7.25
C GLU B 292 8.84 1.55 -6.93
N ALA B 293 10.03 0.93 -6.97
CA ALA B 293 11.24 1.70 -6.76
C ALA B 293 11.49 2.68 -7.91
N THR B 294 11.18 2.26 -9.14
CA THR B 294 11.37 3.16 -10.27
C THR B 294 10.31 4.25 -10.28
N TRP B 295 9.07 3.90 -9.93
CA TRP B 295 8.03 4.91 -9.74
C TRP B 295 8.46 5.92 -8.70
N THR B 296 8.98 5.45 -7.56
CA THR B 296 9.50 6.38 -6.54
C THR B 296 10.59 7.27 -7.12
N MET B 297 11.52 6.69 -7.88
CA MET B 297 12.58 7.47 -8.51
C MET B 297 12.00 8.59 -9.38
N SER B 298 10.96 8.26 -10.15
CA SER B 298 10.37 9.22 -11.10
C SER B 298 9.79 10.43 -10.39
N ASN B 299 9.34 10.27 -9.14
CA ASN B 299 8.88 11.41 -8.36
C ASN B 299 10.00 12.11 -7.61
N ILE B 300 11.15 11.46 -7.45
CA ILE B 300 12.30 12.21 -6.94
C ILE B 300 12.94 13.01 -8.06
N THR B 301 13.00 12.46 -9.29
CA THR B 301 13.60 13.25 -10.36
C THR B 301 12.65 14.34 -10.86
N ALA B 302 11.40 14.34 -10.41
CA ALA B 302 10.51 15.48 -10.62
C ALA B 302 10.76 16.63 -9.67
N GLY B 303 11.75 16.50 -8.78
CA GLY B 303 12.00 17.49 -7.75
C GLY B 303 12.94 18.57 -8.23
N ARG B 304 13.61 19.20 -7.26
CA ARG B 304 14.53 20.31 -7.47
C ARG B 304 15.85 19.81 -8.04
N GLN B 305 16.58 20.76 -8.67
CA GLN B 305 17.86 20.43 -9.27
C GLN B 305 18.83 19.86 -8.24
N ASP B 306 18.79 20.36 -7.00
CA ASP B 306 19.63 19.81 -5.95
C ASP B 306 19.20 18.40 -5.54
N GLN B 307 17.94 18.03 -5.77
CA GLN B 307 17.54 16.65 -5.49
C GLN B 307 17.92 15.73 -6.64
N ILE B 308 17.79 16.22 -7.87
CA ILE B 308 18.33 15.48 -9.01
C ILE B 308 19.82 15.23 -8.81
N GLN B 309 20.54 16.22 -8.29
CA GLN B 309 21.99 16.06 -8.07
C GLN B 309 22.28 14.96 -7.07
N GLN B 310 21.42 14.78 -6.09
CA GLN B 310 21.65 13.70 -5.14
C GLN B 310 21.37 12.35 -5.75
N VAL B 311 20.41 12.27 -6.67
CA VAL B 311 20.24 11.07 -7.47
C VAL B 311 21.52 10.76 -8.26
N VAL B 312 22.10 11.79 -8.88
CA VAL B 312 23.36 11.60 -9.59
C VAL B 312 24.44 11.12 -8.64
N ASN B 313 24.60 11.82 -7.50
CA ASN B 313 25.70 11.57 -6.59
C ASN B 313 25.64 10.17 -5.99
N HIS B 314 24.44 9.65 -5.77
CA HIS B 314 24.30 8.29 -5.26
C HIS B 314 24.54 7.24 -6.33
N GLY B 315 24.93 7.64 -7.54
CA GLY B 315 25.20 6.68 -8.60
C GLY B 315 23.98 6.00 -9.16
N LEU B 316 22.81 6.63 -9.08
CA LEU B 316 21.59 5.96 -9.49
C LEU B 316 21.25 6.13 -10.97
N VAL B 317 21.86 7.08 -11.68
CA VAL B 317 21.55 7.21 -13.11
C VAL B 317 21.90 5.93 -13.87
N PRO B 318 23.07 5.32 -13.68
CA PRO B 318 23.30 4.03 -14.37
C PRO B 318 22.23 3.01 -14.05
N PHE B 319 21.66 3.03 -12.84
CA PHE B 319 20.61 2.06 -12.51
C PHE B 319 19.33 2.36 -13.27
N LEU B 320 19.02 3.65 -13.47
CA LEU B 320 17.89 3.99 -14.32
C LEU B 320 18.13 3.57 -15.76
N VAL B 321 19.36 3.76 -16.25
CA VAL B 321 19.70 3.27 -17.58
C VAL B 321 19.46 1.76 -17.66
N GLY B 322 19.82 1.04 -16.58
CA GLY B 322 19.65 -0.40 -16.59
C GLY B 322 18.19 -0.80 -16.69
N VAL B 323 17.34 -0.22 -15.84
CA VAL B 323 15.92 -0.57 -15.87
C VAL B 323 15.31 -0.21 -17.22
N LEU B 324 15.68 0.94 -17.76
CA LEU B 324 15.22 1.27 -19.11
C LEU B 324 15.68 0.23 -20.12
N SER B 325 16.90 -0.29 -19.95
CA SER B 325 17.44 -1.24 -20.92
C SER B 325 16.75 -2.60 -20.81
N LYS B 326 16.51 -3.07 -19.58
CA LYS B 326 15.94 -4.40 -19.40
C LYS B 326 15.14 -4.42 -18.10
N ALA B 327 13.84 -4.62 -18.22
CA ALA B 327 12.97 -4.78 -17.07
C ALA B 327 11.62 -5.20 -17.60
N ASP B 328 10.74 -5.62 -16.69
CA ASP B 328 9.34 -5.77 -17.03
C ASP B 328 8.81 -4.47 -17.65
N PHE B 329 7.89 -4.60 -18.61
CA PHE B 329 7.51 -3.42 -19.39
C PHE B 329 6.91 -2.32 -18.52
N LYS B 330 6.10 -2.69 -17.52
CA LYS B 330 5.56 -1.68 -16.62
C LYS B 330 6.66 -0.91 -15.90
N THR B 331 7.73 -1.61 -15.49
CA THR B 331 8.88 -0.93 -14.90
C THR B 331 9.56 -0.02 -15.91
N GLN B 332 9.72 -0.49 -17.15
CA GLN B 332 10.35 0.33 -18.17
C GLN B 332 9.57 1.62 -18.41
N LYS B 333 8.24 1.56 -18.28
CA LYS B 333 7.43 2.74 -18.43
C LYS B 333 7.66 3.72 -17.29
N GLU B 334 7.84 3.22 -16.07
CA GLU B 334 8.18 4.11 -14.96
C GLU B 334 9.56 4.75 -15.19
N ALA B 335 10.51 3.97 -15.72
CA ALA B 335 11.83 4.53 -15.99
C ALA B 335 11.75 5.64 -17.05
N ALA B 336 10.95 5.43 -18.10
CA ALA B 336 10.77 6.48 -19.10
C ALA B 336 10.24 7.77 -18.46
N TRP B 337 9.30 7.63 -17.53
CA TRP B 337 8.82 8.78 -16.77
C TRP B 337 9.92 9.40 -15.90
N ALA B 338 10.72 8.55 -15.25
CA ALA B 338 11.82 9.09 -14.45
C ALA B 338 12.77 9.92 -15.30
N ILE B 339 13.01 9.46 -16.54
CA ILE B 339 13.95 10.17 -17.41
C ILE B 339 13.35 11.48 -17.90
N THR B 340 12.07 11.47 -18.27
CA THR B 340 11.43 12.69 -18.75
C THR B 340 11.37 13.75 -17.66
N ASN B 341 11.12 13.33 -16.41
CA ASN B 341 11.14 14.26 -15.29
C ASN B 341 12.54 14.79 -15.04
N TYR B 342 13.54 13.90 -15.11
CA TYR B 342 14.92 14.32 -14.98
C TYR B 342 15.28 15.35 -16.06
N THR B 343 14.99 15.04 -17.32
CA THR B 343 15.39 15.99 -18.36
C THR B 343 14.55 17.26 -18.33
N SER B 344 13.34 17.21 -17.77
CA SER B 344 12.50 18.40 -17.69
C SER B 344 13.05 19.41 -16.69
N GLY B 345 13.49 18.94 -15.52
CA GLY B 345 13.92 19.87 -14.49
C GLY B 345 15.41 19.97 -14.28
N GLY B 346 16.21 19.11 -14.93
CA GLY B 346 17.62 19.11 -14.66
C GLY B 346 18.36 20.27 -15.34
N THR B 347 19.56 20.54 -14.83
CA THR B 347 20.50 21.46 -15.49
C THR B 347 21.03 20.83 -16.79
N VAL B 348 21.67 21.67 -17.60
CA VAL B 348 22.33 21.17 -18.81
C VAL B 348 23.37 20.11 -18.44
N GLU B 349 24.19 20.40 -17.42
CA GLU B 349 25.26 19.48 -17.01
C GLU B 349 24.67 18.14 -16.56
N GLN B 350 23.55 18.18 -15.84
CA GLN B 350 22.89 16.95 -15.42
C GLN B 350 22.39 16.18 -16.63
N ILE B 351 21.79 16.88 -17.60
CA ILE B 351 21.33 16.19 -18.81
C ILE B 351 22.50 15.61 -19.60
N VAL B 352 23.60 16.38 -19.73
CA VAL B 352 24.78 15.87 -20.41
C VAL B 352 25.25 14.57 -19.75
N TYR B 353 25.34 14.59 -18.41
CA TYR B 353 25.75 13.41 -17.65
C TYR B 353 24.87 12.22 -17.97
N LEU B 354 23.57 12.46 -18.12
CA LEU B 354 22.64 11.39 -18.45
C LEU B 354 22.92 10.78 -19.82
N VAL B 355 23.25 11.61 -20.81
CA VAL B 355 23.61 11.05 -22.10
C VAL B 355 24.91 10.26 -21.99
N HIS B 356 25.89 10.79 -21.26
CA HIS B 356 27.14 10.05 -21.10
C HIS B 356 26.96 8.73 -20.36
N CYS B 357 25.86 8.54 -19.60
CA CYS B 357 25.62 7.25 -18.96
C CYS B 357 24.98 6.25 -19.89
N GLY B 358 24.60 6.65 -21.10
CA GLY B 358 24.08 5.72 -22.07
C GLY B 358 22.58 5.71 -22.25
N ILE B 359 21.90 6.83 -21.97
CA ILE B 359 20.43 6.79 -21.96
C ILE B 359 19.85 6.66 -23.36
N ILE B 360 20.57 7.13 -24.40
CA ILE B 360 19.95 7.30 -25.71
C ILE B 360 19.51 5.97 -26.30
N GLU B 361 20.43 5.02 -26.41
CA GLU B 361 20.10 3.75 -27.06
C GLU B 361 18.91 3.04 -26.42
N PRO B 362 18.84 2.84 -25.10
CA PRO B 362 17.63 2.17 -24.55
C PRO B 362 16.38 3.02 -24.71
N LEU B 363 16.53 4.35 -24.66
CA LEU B 363 15.41 5.25 -24.93
C LEU B 363 14.87 5.04 -26.34
N MET B 364 15.79 4.98 -27.34
CA MET B 364 15.36 4.77 -28.72
C MET B 364 14.71 3.41 -28.92
N ASN B 365 15.26 2.36 -28.30
CA ASN B 365 14.69 1.03 -28.48
C ASN B 365 13.25 0.95 -27.98
N LEU B 366 12.89 1.74 -26.98
CA LEU B 366 11.53 1.66 -26.46
C LEU B 366 10.53 2.42 -27.32
N LEU B 367 10.98 3.18 -28.32
CA LEU B 367 10.06 3.79 -29.26
C LEU B 367 9.38 2.76 -30.16
N SER B 368 9.74 1.48 -30.05
CA SER B 368 9.06 0.40 -30.75
C SER B 368 7.88 -0.14 -29.96
N ALA B 369 7.60 0.42 -28.79
CA ALA B 369 6.52 -0.07 -27.95
C ALA B 369 5.16 0.30 -28.54
N LYS B 370 4.20 -0.61 -28.40
CA LYS B 370 2.85 -0.32 -28.86
C LYS B 370 2.18 0.75 -28.02
N ASP B 371 2.54 0.84 -26.74
CA ASP B 371 1.89 1.76 -25.81
C ASP B 371 2.07 3.20 -26.27
N THR B 372 0.95 3.92 -26.38
CA THR B 372 0.99 5.28 -26.93
C THR B 372 1.52 6.27 -25.89
N LYS B 373 1.19 6.07 -24.62
CA LYS B 373 1.67 6.96 -23.58
C LYS B 373 3.20 6.96 -23.49
N ILE B 374 3.82 5.77 -23.53
CA ILE B 374 5.27 5.72 -23.38
C ILE B 374 5.98 6.38 -24.56
N ILE B 375 5.41 6.29 -25.77
CA ILE B 375 6.00 6.98 -26.91
C ILE B 375 6.04 8.48 -26.66
N GLN B 376 4.92 9.06 -26.22
CA GLN B 376 4.89 10.50 -25.95
C GLN B 376 5.90 10.88 -24.89
N VAL B 377 6.03 10.05 -23.85
CA VAL B 377 6.93 10.35 -22.75
C VAL B 377 8.37 10.36 -23.25
N ILE B 378 8.72 9.34 -24.04
CA ILE B 378 10.07 9.24 -24.61
C ILE B 378 10.32 10.40 -25.56
N LEU B 379 9.36 10.67 -26.46
CA LEU B 379 9.51 11.80 -27.37
C LEU B 379 9.67 13.10 -26.62
N ASP B 380 8.96 13.25 -25.50
CA ASP B 380 9.09 14.43 -24.65
C ASP B 380 10.50 14.55 -24.07
N ALA B 381 11.09 13.41 -23.70
CA ALA B 381 12.43 13.46 -23.12
C ALA B 381 13.49 13.77 -24.17
N ILE B 382 13.34 13.19 -25.37
CA ILE B 382 14.22 13.54 -26.48
C ILE B 382 14.19 15.04 -26.73
N SER B 383 12.98 15.63 -26.72
CA SER B 383 12.85 17.07 -26.81
C SER B 383 13.72 17.79 -25.77
N ASN B 384 13.54 17.42 -24.49
CA ASN B 384 14.27 18.13 -23.43
C ASN B 384 15.77 17.95 -23.57
N ILE B 385 16.22 16.82 -24.10
CA ILE B 385 17.65 16.63 -24.26
C ILE B 385 18.17 17.47 -25.40
N PHE B 386 17.37 17.61 -26.47
CA PHE B 386 17.77 18.47 -27.58
C PHE B 386 17.85 19.93 -27.13
N GLN B 387 16.91 20.37 -26.28
CA GLN B 387 16.98 21.73 -25.77
C GLN B 387 18.23 21.95 -24.93
N ALA B 388 18.69 20.92 -24.22
CA ALA B 388 19.99 21.00 -23.57
C ALA B 388 21.10 21.11 -24.61
N ALA B 389 20.97 20.37 -25.72
CA ALA B 389 21.98 20.42 -26.76
C ALA B 389 22.01 21.80 -27.44
N GLU B 390 20.84 22.40 -27.68
CA GLU B 390 20.81 23.76 -28.25
C GLU B 390 21.61 24.72 -27.38
N LYS B 391 21.36 24.69 -26.08
CA LYS B 391 22.06 25.57 -25.15
C LYS B 391 23.57 25.39 -25.25
N LEU B 392 24.02 24.23 -25.70
CA LEU B 392 25.45 23.92 -25.77
C LEU B 392 26.02 23.99 -27.17
N GLY B 393 25.19 23.87 -28.21
CA GLY B 393 25.65 23.86 -29.57
C GLY B 393 25.90 22.50 -30.19
N GLU B 394 25.49 21.42 -29.52
CA GLU B 394 25.76 20.06 -30.00
C GLU B 394 24.52 19.37 -30.54
N THR B 395 23.55 20.13 -31.03
CA THR B 395 22.31 19.52 -31.54
C THR B 395 22.60 18.49 -32.63
N GLU B 396 23.57 18.78 -33.51
CA GLU B 396 23.88 17.82 -34.57
C GLU B 396 24.61 16.61 -34.01
N LYS B 397 25.51 16.82 -33.04
CA LYS B 397 26.21 15.71 -32.40
C LYS B 397 25.22 14.73 -31.78
N LEU B 398 24.13 15.26 -31.22
CA LEU B 398 23.07 14.40 -30.69
C LEU B 398 22.30 13.72 -31.82
N SER B 399 22.06 14.44 -32.92
CA SER B 399 21.28 13.86 -34.01
C SER B 399 22.01 12.67 -34.64
N ILE B 400 23.35 12.68 -34.63
CA ILE B 400 24.05 11.51 -35.15
C ILE B 400 23.96 10.36 -34.15
N MET B 401 23.98 10.65 -32.85
CA MET B 401 23.81 9.61 -31.84
C MET B 401 22.46 8.93 -31.99
N ILE B 402 21.39 9.72 -32.15
CA ILE B 402 20.07 9.15 -32.38
C ILE B 402 20.03 8.40 -33.69
N GLU B 403 20.76 8.89 -34.70
CA GLU B 403 20.84 8.21 -35.98
C GLU B 403 21.54 6.86 -35.85
N GLU B 404 22.68 6.84 -35.17
CA GLU B 404 23.57 5.67 -35.20
C GLU B 404 22.93 4.45 -34.57
N CYS B 405 22.07 4.62 -33.55
CA CYS B 405 21.42 3.48 -32.92
C CYS B 405 20.02 3.24 -33.48
N GLY B 406 19.78 3.63 -34.73
CA GLY B 406 18.51 3.36 -35.37
C GLY B 406 17.36 4.18 -34.84
N GLY B 407 17.64 5.29 -34.17
CA GLY B 407 16.57 6.11 -33.63
C GLY B 407 15.81 6.84 -34.72
N LEU B 408 16.53 7.56 -35.59
CA LEU B 408 15.90 8.36 -36.64
C LEU B 408 14.83 7.59 -37.40
N ASP B 409 15.07 6.30 -37.65
CA ASP B 409 14.03 5.48 -38.26
C ASP B 409 12.73 5.55 -37.49
N LYS B 410 12.81 5.54 -36.15
CA LYS B 410 11.61 5.42 -35.33
C LYS B 410 10.85 6.73 -35.23
N ILE B 411 11.52 7.85 -34.95
CA ILE B 411 10.81 9.13 -34.96
C ILE B 411 10.18 9.37 -36.33
N GLU B 412 10.87 8.94 -37.39
CA GLU B 412 10.40 9.17 -38.74
C GLU B 412 9.11 8.40 -38.99
N ALA B 413 9.10 7.10 -38.65
CA ALA B 413 7.89 6.30 -38.80
C ALA B 413 6.74 6.81 -37.94
N LEU B 414 7.03 7.58 -36.89
CA LEU B 414 6.02 7.96 -35.91
C LEU B 414 5.19 9.17 -36.31
N GLN B 415 5.58 9.95 -37.32
CA GLN B 415 4.71 11.05 -37.71
C GLN B 415 3.46 10.58 -38.44
N ARG B 416 3.39 9.30 -38.84
CA ARG B 416 2.16 8.70 -39.33
C ARG B 416 1.62 7.69 -38.33
N HIS B 417 1.32 8.14 -37.13
CA HIS B 417 0.80 7.31 -36.05
C HIS B 417 -0.52 7.90 -35.60
N GLU B 418 -1.46 7.03 -35.21
CA GLU B 418 -2.83 7.46 -34.96
C GLU B 418 -2.90 8.65 -34.03
N ASN B 419 -2.03 8.70 -33.02
CA ASN B 419 -2.15 9.73 -31.99
C ASN B 419 -1.77 11.11 -32.54
N GLU B 420 -2.49 12.12 -32.08
CA GLU B 420 -2.19 13.50 -32.47
C GLU B 420 -0.87 13.97 -31.87
N SER B 421 -0.73 13.82 -30.54
CA SER B 421 0.48 14.28 -29.87
C SER B 421 1.71 13.54 -30.37
N VAL B 422 1.57 12.28 -30.76
CA VAL B 422 2.70 11.51 -31.27
C VAL B 422 3.12 12.03 -32.63
N TYR B 423 2.15 12.21 -33.54
CA TYR B 423 2.46 12.68 -34.88
C TYR B 423 3.04 14.10 -34.85
N LYS B 424 2.42 14.98 -34.07
CA LYS B 424 2.88 16.37 -34.01
C LYS B 424 4.31 16.46 -33.48
N ALA B 425 4.57 15.82 -32.33
CA ALA B 425 5.86 15.96 -31.68
C ALA B 425 6.97 15.28 -32.48
N SER B 426 6.70 14.10 -33.04
CA SER B 426 7.73 13.42 -33.83
C SER B 426 8.07 14.20 -35.09
N LEU B 427 7.06 14.82 -35.72
CA LEU B 427 7.35 15.67 -36.88
C LEU B 427 8.13 16.91 -36.48
N ASN B 428 7.75 17.56 -35.37
CA ASN B 428 8.52 18.69 -34.87
C ASN B 428 9.98 18.31 -34.66
N LEU B 429 10.23 17.08 -34.21
CA LEU B 429 11.60 16.63 -34.01
C LEU B 429 12.35 16.51 -35.34
N ILE B 430 11.74 15.82 -36.30
CA ILE B 430 12.35 15.66 -37.62
C ILE B 430 12.65 17.03 -38.23
N GLU B 431 11.72 17.98 -38.08
CA GLU B 431 11.86 19.26 -38.78
C GLU B 431 12.96 20.12 -38.16
N LYS B 432 13.14 20.06 -36.85
CA LYS B 432 14.05 20.97 -36.17
C LYS B 432 15.49 20.46 -36.08
N TYR B 433 15.70 19.14 -36.12
CA TYR B 433 17.03 18.58 -35.85
C TYR B 433 17.50 17.55 -36.87
N PHE B 434 16.68 17.21 -37.86
CA PHE B 434 17.04 16.22 -38.88
C PHE B 434 16.64 16.74 -40.27
N SER B 435 17.14 17.92 -40.62
CA SER B 435 16.85 18.53 -41.91
C SER B 435 18.10 19.23 -42.42
N VAL B 436 18.00 19.82 -43.61
CA VAL B 436 19.12 20.44 -44.29
C VAL B 436 19.40 21.84 -43.75
#